data_6JI7
#
_entry.id   6JI7
#
_entity_poly.entity_id   1
_entity_poly.type   'polypeptide(L)'
_entity_poly.pdbx_seq_one_letter_code
;EGECSPLGEPCAGNPWGCCPGCICIWQLTDRCVGNC
;
_entity_poly.pdbx_strand_id   A
#
# COMPACT_ATOMS: atom_id res chain seq x y z
N GLU A 1 11.29 -1.44 9.90
CA GLU A 1 11.03 -1.84 8.52
C GLU A 1 10.24 -0.77 7.76
N GLY A 2 10.74 -0.42 6.56
CA GLY A 2 10.08 0.59 5.74
C GLY A 2 10.37 0.42 4.27
N GLU A 3 10.11 -0.79 3.76
CA GLU A 3 10.34 -1.11 2.34
C GLU A 3 9.12 -1.80 1.71
N CYS A 4 7.93 -1.55 2.33
CA CYS A 4 6.63 -2.11 1.89
C CYS A 4 6.62 -3.63 1.74
N SER A 5 5.41 -4.20 1.68
CA SER A 5 5.21 -5.62 1.52
C SER A 5 4.05 -5.91 0.57
N PRO A 6 3.96 -7.12 -0.07
CA PRO A 6 2.83 -7.45 -0.95
C PRO A 6 1.53 -7.38 -0.17
N LEU A 7 0.85 -6.23 -0.33
CA LEU A 7 -0.38 -5.90 0.40
C LEU A 7 -0.09 -5.90 1.90
N GLY A 8 0.19 -4.71 2.43
CA GLY A 8 0.55 -4.57 3.84
C GLY A 8 0.77 -3.15 4.30
N GLU A 9 1.92 -2.54 3.93
CA GLU A 9 2.24 -1.15 4.37
C GLU A 9 1.16 -0.13 3.97
N PRO A 10 0.62 0.68 4.96
CA PRO A 10 -0.41 1.70 4.69
C PRO A 10 0.03 2.75 3.65
N CYS A 11 -0.94 3.50 3.12
CA CYS A 11 -0.67 4.53 2.11
C CYS A 11 -0.33 5.89 2.72
N ALA A 12 -0.46 6.00 4.05
CA ALA A 12 -0.17 7.25 4.77
C ALA A 12 1.30 7.35 5.16
N GLY A 13 2.02 8.25 4.48
CA GLY A 13 3.44 8.46 4.74
C GLY A 13 4.22 8.68 3.46
N ASN A 14 4.14 7.69 2.54
CA ASN A 14 4.84 7.70 1.23
C ASN A 14 6.36 7.97 1.34
N PRO A 15 7.24 7.11 0.73
CA PRO A 15 6.87 5.90 -0.04
C PRO A 15 6.59 4.68 0.87
N TRP A 16 5.90 4.93 2.00
CA TRP A 16 5.56 3.88 2.98
C TRP A 16 4.30 3.10 2.57
N GLY A 17 3.86 3.27 1.30
CA GLY A 17 2.66 2.59 0.81
C GLY A 17 2.92 1.14 0.43
N CYS A 18 2.08 0.61 -0.47
CA CYS A 18 2.21 -0.77 -0.93
C CYS A 18 3.12 -0.84 -2.15
N CYS A 19 3.95 -1.88 -2.20
CA CYS A 19 4.91 -2.10 -3.30
C CYS A 19 4.22 -2.06 -4.69
N PRO A 20 4.99 -1.78 -5.81
CA PRO A 20 4.43 -1.70 -7.17
C PRO A 20 3.61 -2.94 -7.58
N GLY A 21 2.57 -2.71 -8.39
CA GLY A 21 1.70 -3.79 -8.84
C GLY A 21 0.32 -3.74 -8.21
N CYS A 22 0.16 -2.87 -7.19
CA CYS A 22 -1.10 -2.73 -6.47
C CYS A 22 -1.50 -1.25 -6.36
N ILE A 23 -2.81 -1.01 -6.32
CA ILE A 23 -3.34 0.35 -6.18
C ILE A 23 -3.96 0.54 -4.80
N CYS A 24 -3.92 1.79 -4.31
CA CYS A 24 -4.45 2.13 -2.99
C CYS A 24 -5.89 2.62 -3.05
N ILE A 25 -6.64 2.35 -1.99
CA ILE A 25 -8.04 2.76 -1.87
C ILE A 25 -8.14 3.97 -0.94
N TRP A 26 -7.79 3.76 0.35
CA TRP A 26 -7.81 4.82 1.39
C TRP A 26 -9.18 5.52 1.52
N GLN A 27 -10.24 4.80 1.12
CA GLN A 27 -11.60 5.31 1.21
C GLN A 27 -12.28 4.75 2.47
N LEU A 28 -11.44 4.15 3.31
CA LEU A 28 -11.85 3.55 4.59
C LEU A 28 -10.68 3.59 5.57
N THR A 29 -9.51 3.10 5.13
CA THR A 29 -8.31 3.08 5.97
C THR A 29 -7.03 3.28 5.15
N ASP A 30 -6.78 2.36 4.18
CA ASP A 30 -5.57 2.36 3.31
C ASP A 30 -5.35 0.95 2.72
N ARG A 31 -6.45 0.34 2.27
CA ARG A 31 -6.42 -1.02 1.70
C ARG A 31 -5.96 -1.03 0.25
N CYS A 32 -4.94 -1.86 -0.04
CA CYS A 32 -4.41 -2.00 -1.39
C CYS A 32 -4.97 -3.24 -2.07
N VAL A 33 -5.47 -3.07 -3.29
CA VAL A 33 -6.03 -4.17 -4.07
C VAL A 33 -5.25 -4.37 -5.37
N GLY A 34 -5.30 -5.60 -5.90
CA GLY A 34 -4.61 -5.92 -7.14
C GLY A 34 -3.88 -7.24 -7.07
N ASN A 35 -2.71 -7.32 -7.73
CA ASN A 35 -1.89 -8.53 -7.76
C ASN A 35 -0.41 -8.16 -7.69
N CYS A 36 0.09 -8.01 -6.46
CA CYS A 36 1.49 -7.68 -6.21
C CYS A 36 2.09 -8.58 -5.15
N GLU A 1 12.53 4.60 7.45
CA GLU A 1 11.79 3.35 7.29
C GLU A 1 11.22 3.24 5.88
N GLY A 2 11.47 2.09 5.24
CA GLY A 2 10.98 1.87 3.89
C GLY A 2 11.04 0.40 3.50
N GLU A 3 9.99 -0.35 3.87
CA GLU A 3 9.88 -1.78 3.56
C GLU A 3 8.44 -2.15 3.23
N CYS A 4 8.10 -2.02 1.93
CA CYS A 4 6.75 -2.35 1.44
C CYS A 4 6.68 -3.78 0.94
N SER A 5 5.46 -4.33 0.97
CA SER A 5 5.22 -5.70 0.53
C SER A 5 3.79 -5.86 -0.01
N PRO A 6 3.51 -6.88 -0.89
CA PRO A 6 2.15 -7.11 -1.44
C PRO A 6 1.14 -7.34 -0.32
N LEU A 7 0.19 -6.40 -0.19
CA LEU A 7 -0.84 -6.43 0.87
C LEU A 7 -0.16 -6.42 2.25
N GLY A 8 0.63 -5.36 2.49
CA GLY A 8 1.37 -5.23 3.73
C GLY A 8 1.43 -3.80 4.23
N GLU A 9 2.20 -2.95 3.53
CA GLU A 9 2.34 -1.54 3.93
C GLU A 9 1.12 -0.69 3.49
N PRO A 10 0.78 0.41 4.23
CA PRO A 10 -0.38 1.27 3.90
C PRO A 10 -0.13 2.16 2.68
N CYS A 11 -1.16 2.93 2.29
CA CYS A 11 -1.07 3.84 1.14
C CYS A 11 -0.79 5.28 1.58
N ALA A 12 -1.46 5.70 2.66
CA ALA A 12 -1.30 7.05 3.19
C ALA A 12 -0.31 7.08 4.36
N GLY A 13 0.73 7.91 4.21
CA GLY A 13 1.75 8.04 5.24
C GLY A 13 3.08 8.51 4.69
N ASN A 14 3.68 7.66 3.82
CA ASN A 14 4.98 7.92 3.17
C ASN A 14 6.12 8.17 4.18
N PRO A 15 7.26 7.41 4.12
CA PRO A 15 7.52 6.34 3.13
C PRO A 15 6.81 5.01 3.46
N TRP A 16 5.68 5.11 4.19
CA TRP A 16 4.89 3.93 4.58
C TRP A 16 3.90 3.52 3.48
N GLY A 17 4.41 3.49 2.24
CA GLY A 17 3.58 3.11 1.09
C GLY A 17 3.77 1.67 0.68
N CYS A 18 2.91 1.21 -0.23
CA CYS A 18 2.97 -0.16 -0.73
C CYS A 18 3.85 -0.24 -1.98
N CYS A 19 4.53 -1.37 -2.13
CA CYS A 19 5.43 -1.63 -3.26
C CYS A 19 4.69 -1.61 -4.61
N PRO A 20 5.40 -1.34 -5.76
CA PRO A 20 4.79 -1.29 -7.11
C PRO A 20 3.98 -2.55 -7.47
N GLY A 21 2.81 -2.32 -8.07
CA GLY A 21 1.93 -3.42 -8.45
C GLY A 21 0.58 -3.37 -7.75
N CYS A 22 0.55 -2.74 -6.58
CA CYS A 22 -0.67 -2.60 -5.78
C CYS A 22 -1.29 -1.22 -5.98
N ILE A 23 -2.62 -1.17 -5.97
CA ILE A 23 -3.34 0.10 -6.13
C ILE A 23 -3.89 0.59 -4.78
N CYS A 24 -4.14 1.91 -4.70
CA CYS A 24 -4.63 2.54 -3.47
C CYS A 24 -6.16 2.50 -3.38
N ILE A 25 -6.66 2.15 -2.18
CA ILE A 25 -8.09 2.07 -1.92
C ILE A 25 -8.56 3.35 -1.20
N TRP A 26 -8.22 3.48 0.09
CA TRP A 26 -8.58 4.66 0.92
C TRP A 26 -10.10 4.89 0.98
N GLN A 27 -10.87 3.83 0.71
CA GLN A 27 -12.32 3.88 0.75
C GLN A 27 -12.83 3.37 2.09
N LEU A 28 -11.87 3.19 3.00
CA LEU A 28 -12.10 2.72 4.36
C LEU A 28 -11.05 3.31 5.30
N THR A 29 -9.77 3.19 4.91
CA THR A 29 -8.66 3.70 5.69
C THR A 29 -7.50 4.19 4.81
N ASP A 30 -6.87 3.25 4.06
CA ASP A 30 -5.70 3.51 3.17
C ASP A 30 -4.97 2.19 2.87
N ARG A 31 -5.76 1.15 2.54
CA ARG A 31 -5.20 -0.19 2.25
C ARG A 31 -4.83 -0.34 0.78
N CYS A 32 -3.78 -1.14 0.52
CA CYS A 32 -3.31 -1.39 -0.83
C CYS A 32 -3.72 -2.79 -1.30
N VAL A 33 -4.55 -2.84 -2.35
CA VAL A 33 -5.04 -4.11 -2.91
C VAL A 33 -4.83 -4.10 -4.43
N GLY A 34 -5.21 -5.19 -5.11
CA GLY A 34 -5.06 -5.28 -6.54
C GLY A 34 -4.75 -6.69 -7.01
N ASN A 35 -3.55 -6.86 -7.58
CA ASN A 35 -3.10 -8.17 -8.09
C ASN A 35 -1.68 -8.48 -7.62
N CYS A 36 -1.33 -7.97 -6.43
CA CYS A 36 -0.01 -8.17 -5.84
C CYS A 36 -0.08 -9.08 -4.62
N GLU A 1 8.82 5.03 -2.04
CA GLU A 1 9.91 4.11 -1.75
C GLU A 1 10.25 4.12 -0.26
N GLY A 2 10.55 2.93 0.28
CA GLY A 2 10.89 2.80 1.69
C GLY A 2 10.90 1.35 2.15
N GLU A 3 9.77 0.91 2.72
CA GLU A 3 9.61 -0.45 3.23
C GLU A 3 8.18 -0.94 3.03
N CYS A 4 7.97 -1.57 1.87
CA CYS A 4 6.66 -2.12 1.50
C CYS A 4 6.73 -3.63 1.30
N SER A 5 5.55 -4.24 1.12
CA SER A 5 5.44 -5.69 0.91
C SER A 5 4.18 -6.02 0.11
N PRO A 6 4.11 -7.21 -0.60
CA PRO A 6 2.90 -7.59 -1.36
C PRO A 6 1.71 -7.68 -0.41
N LEU A 7 0.88 -6.63 -0.46
CA LEU A 7 -0.28 -6.45 0.42
C LEU A 7 0.16 -6.45 1.88
N GLY A 8 0.47 -5.25 2.37
CA GLY A 8 0.96 -5.09 3.73
C GLY A 8 1.12 -3.64 4.15
N GLU A 9 2.16 -2.96 3.64
CA GLU A 9 2.40 -1.55 3.99
C GLU A 9 1.47 -0.60 3.21
N PRO A 10 0.46 0.04 3.90
CA PRO A 10 -0.49 0.99 3.25
C PRO A 10 0.20 2.26 2.73
N CYS A 11 -0.59 3.16 2.11
CA CYS A 11 -0.09 4.41 1.55
C CYS A 11 -0.11 5.55 2.58
N ALA A 12 -0.87 5.35 3.67
CA ALA A 12 -0.98 6.35 4.73
C ALA A 12 -0.34 5.84 6.03
N GLY A 13 0.77 6.48 6.41
CA GLY A 13 1.48 6.11 7.62
C GLY A 13 2.64 7.02 7.92
N ASN A 14 3.73 6.82 7.17
CA ASN A 14 4.95 7.63 7.32
C ASN A 14 4.96 8.85 6.39
N PRO A 15 4.51 8.74 5.10
CA PRO A 15 3.99 7.51 4.49
C PRO A 15 5.08 6.60 3.91
N TRP A 16 4.87 5.28 4.01
CA TRP A 16 5.82 4.30 3.50
C TRP A 16 5.50 3.90 2.06
N GLY A 17 4.23 3.54 1.82
CA GLY A 17 3.79 3.15 0.48
C GLY A 17 3.74 1.65 0.29
N CYS A 18 2.95 1.23 -0.70
CA CYS A 18 2.80 -0.18 -1.05
C CYS A 18 3.65 -0.50 -2.26
N CYS A 19 4.28 -1.68 -2.26
CA CYS A 19 5.16 -2.14 -3.34
C CYS A 19 4.43 -2.21 -4.70
N PRO A 20 5.17 -2.13 -5.86
CA PRO A 20 4.57 -2.17 -7.22
C PRO A 20 3.58 -3.33 -7.42
N GLY A 21 2.50 -3.03 -8.15
CA GLY A 21 1.45 -4.02 -8.40
C GLY A 21 0.24 -3.82 -7.50
N CYS A 22 0.49 -3.28 -6.30
CA CYS A 22 -0.56 -3.03 -5.32
C CYS A 22 -0.93 -1.54 -5.30
N ILE A 23 -2.24 -1.26 -5.26
CA ILE A 23 -2.74 0.11 -5.21
C ILE A 23 -3.55 0.35 -3.94
N CYS A 24 -3.68 1.62 -3.55
CA CYS A 24 -4.41 2.00 -2.34
C CYS A 24 -5.76 2.63 -2.68
N ILE A 25 -6.79 2.26 -1.91
CA ILE A 25 -8.15 2.78 -2.11
C ILE A 25 -8.38 3.98 -1.19
N TRP A 26 -8.16 3.78 0.12
CA TRP A 26 -8.32 4.82 1.17
C TRP A 26 -9.75 5.43 1.19
N GLN A 27 -10.72 4.65 0.71
CA GLN A 27 -12.11 5.08 0.70
C GLN A 27 -12.84 4.47 1.91
N LEU A 28 -12.04 3.91 2.81
CA LEU A 28 -12.51 3.28 4.05
C LEU A 28 -11.47 3.46 5.16
N THR A 29 -10.21 3.11 4.87
CA THR A 29 -9.12 3.23 5.83
C THR A 29 -7.78 3.56 5.18
N ASP A 30 -7.41 2.76 4.15
CA ASP A 30 -6.14 2.88 3.37
C ASP A 30 -5.56 1.47 3.14
N ARG A 31 -6.41 0.58 2.61
CA ARG A 31 -6.04 -0.80 2.34
C ARG A 31 -5.43 -0.97 0.95
N CYS A 32 -4.49 -1.92 0.83
CA CYS A 32 -3.81 -2.20 -0.43
C CYS A 32 -4.51 -3.34 -1.18
N VAL A 33 -4.99 -3.03 -2.39
CA VAL A 33 -5.67 -4.01 -3.24
C VAL A 33 -5.13 -3.91 -4.67
N GLY A 34 -5.52 -4.85 -5.54
CA GLY A 34 -5.05 -4.83 -6.92
C GLY A 34 -4.92 -6.21 -7.52
N ASN A 35 -3.69 -6.56 -7.94
CA ASN A 35 -3.42 -7.87 -8.56
C ASN A 35 -2.16 -8.51 -7.95
N CYS A 36 -1.88 -8.18 -6.68
CA CYS A 36 -0.72 -8.71 -5.98
C CYS A 36 -1.15 -9.61 -4.82
N GLU A 1 10.40 -4.72 9.30
CA GLU A 1 9.86 -4.05 8.12
C GLU A 1 10.93 -3.20 7.44
N GLY A 2 11.06 -3.36 6.12
CA GLY A 2 12.05 -2.62 5.35
C GLY A 2 11.42 -1.53 4.51
N GLU A 3 10.98 -1.89 3.30
CA GLU A 3 10.35 -0.96 2.38
C GLU A 3 9.21 -1.63 1.62
N CYS A 4 8.01 -1.54 2.23
CA CYS A 4 6.74 -2.10 1.71
C CYS A 4 6.84 -3.59 1.32
N SER A 5 5.66 -4.20 1.12
CA SER A 5 5.57 -5.62 0.74
C SER A 5 4.27 -5.90 -0.03
N PRO A 6 4.20 -6.99 -0.88
CA PRO A 6 2.97 -7.34 -1.61
C PRO A 6 1.82 -7.58 -0.62
N LEU A 7 0.91 -6.59 -0.56
CA LEU A 7 -0.21 -6.58 0.39
C LEU A 7 0.30 -6.70 1.83
N GLY A 8 0.61 -5.53 2.39
CA GLY A 8 1.15 -5.45 3.73
C GLY A 8 1.23 -4.03 4.25
N GLU A 9 2.22 -3.25 3.77
CA GLU A 9 2.39 -1.86 4.21
C GLU A 9 1.32 -0.92 3.60
N PRO A 10 0.55 -0.16 4.44
CA PRO A 10 -0.50 0.77 3.96
C PRO A 10 0.03 1.81 2.95
N CYS A 11 -0.91 2.40 2.19
CA CYS A 11 -0.57 3.41 1.18
C CYS A 11 -0.64 4.84 1.74
N ALA A 12 -0.87 4.96 3.05
CA ALA A 12 -0.97 6.27 3.72
C ALA A 12 0.39 6.78 4.19
N GLY A 13 1.43 6.16 3.67
CA GLY A 13 2.80 6.53 4.01
C GLY A 13 3.30 5.90 5.30
N ASN A 14 2.96 4.62 5.50
CA ASN A 14 3.36 3.89 6.70
C ASN A 14 4.03 2.55 6.34
N PRO A 15 5.41 2.48 6.32
CA PRO A 15 6.33 3.60 6.62
C PRO A 15 6.41 4.63 5.48
N TRP A 16 6.08 4.19 4.26
CA TRP A 16 6.11 5.04 3.07
C TRP A 16 4.94 4.75 2.13
N GLY A 17 4.57 3.46 2.05
CA GLY A 17 3.46 3.05 1.19
C GLY A 17 3.53 1.58 0.82
N CYS A 18 2.78 1.23 -0.23
CA CYS A 18 2.74 -0.14 -0.73
C CYS A 18 3.62 -0.29 -1.96
N CYS A 19 4.34 -1.41 -2.02
CA CYS A 19 5.25 -1.72 -3.14
C CYS A 19 4.52 -1.80 -4.49
N PRO A 20 5.23 -1.60 -5.65
CA PRO A 20 4.62 -1.65 -7.01
C PRO A 20 3.78 -2.90 -7.26
N GLY A 21 2.64 -2.71 -7.94
CA GLY A 21 1.72 -3.80 -8.23
C GLY A 21 0.41 -3.67 -7.49
N CYS A 22 0.45 -3.03 -6.31
CA CYS A 22 -0.73 -2.81 -5.49
C CYS A 22 -1.27 -1.39 -5.67
N ILE A 23 -2.61 -1.29 -5.79
CA ILE A 23 -3.26 0.02 -5.95
C ILE A 23 -3.83 0.51 -4.62
N CYS A 24 -4.00 1.83 -4.51
CA CYS A 24 -4.50 2.46 -3.30
C CYS A 24 -5.96 2.89 -3.45
N ILE A 25 -6.74 2.70 -2.39
CA ILE A 25 -8.16 3.07 -2.36
C ILE A 25 -8.40 4.21 -1.36
N TRP A 26 -8.23 3.90 -0.07
CA TRP A 26 -8.41 4.85 1.05
C TRP A 26 -9.84 5.44 1.08
N GLN A 27 -10.81 4.65 0.62
CA GLN A 27 -12.20 5.08 0.60
C GLN A 27 -12.91 4.64 1.89
N LEU A 28 -12.10 4.25 2.87
CA LEU A 28 -12.58 3.79 4.19
C LEU A 28 -11.46 3.82 5.24
N THR A 29 -10.28 3.31 4.87
CA THR A 29 -9.14 3.27 5.79
C THR A 29 -7.79 3.58 5.11
N ASP A 30 -7.56 2.93 3.96
CA ASP A 30 -6.31 3.05 3.14
C ASP A 30 -5.59 1.69 3.14
N ARG A 31 -6.30 0.69 2.60
CA ARG A 31 -5.77 -0.68 2.50
C ARG A 31 -5.24 -0.95 1.10
N CYS A 32 -4.28 -1.89 1.01
CA CYS A 32 -3.66 -2.27 -0.27
C CYS A 32 -4.48 -3.34 -0.98
N VAL A 33 -4.88 -3.05 -2.22
CA VAL A 33 -5.66 -3.97 -3.04
C VAL A 33 -5.14 -4.00 -4.47
N GLY A 34 -5.55 -5.02 -5.24
CA GLY A 34 -5.12 -5.14 -6.63
C GLY A 34 -4.90 -6.58 -7.04
N ASN A 35 -3.69 -6.87 -7.53
CA ASN A 35 -3.33 -8.22 -7.98
C ASN A 35 -2.01 -8.68 -7.35
N CYS A 36 -1.72 -8.17 -6.16
CA CYS A 36 -0.50 -8.50 -5.43
C CYS A 36 -0.81 -9.32 -4.17
N GLU A 1 12.50 2.92 8.58
CA GLU A 1 11.25 3.18 7.86
C GLU A 1 11.49 3.23 6.35
N GLY A 2 10.47 2.81 5.59
CA GLY A 2 10.57 2.81 4.13
C GLY A 2 10.80 1.42 3.58
N GLU A 3 9.86 0.50 3.89
CA GLU A 3 9.94 -0.88 3.43
C GLU A 3 8.54 -1.47 3.28
N CYS A 4 8.05 -1.41 2.03
CA CYS A 4 6.72 -1.92 1.68
C CYS A 4 6.75 -3.40 1.37
N SER A 5 5.61 -4.07 1.56
CA SER A 5 5.48 -5.49 1.30
C SER A 5 4.27 -5.75 0.39
N PRO A 6 4.23 -6.91 -0.37
CA PRO A 6 3.08 -7.23 -1.24
C PRO A 6 1.79 -7.24 -0.43
N LEU A 7 1.03 -6.14 -0.55
CA LEU A 7 -0.21 -5.90 0.20
C LEU A 7 0.09 -5.93 1.70
N GLY A 8 0.40 -4.76 2.24
CA GLY A 8 0.76 -4.64 3.65
C GLY A 8 0.94 -3.21 4.13
N GLU A 9 2.06 -2.55 3.74
CA GLU A 9 2.34 -1.17 4.19
C GLU A 9 1.20 -0.18 3.85
N PRO A 10 0.93 0.85 4.74
CA PRO A 10 -0.13 1.85 4.51
C PRO A 10 0.29 2.93 3.52
N CYS A 11 -0.70 3.49 2.79
CA CYS A 11 -0.45 4.53 1.78
C CYS A 11 -0.54 5.94 2.37
N ALA A 12 -0.51 6.05 3.71
CA ALA A 12 -0.58 7.35 4.39
C ALA A 12 0.53 7.50 5.42
N GLY A 13 1.39 8.50 5.23
CA GLY A 13 2.48 8.76 6.15
C GLY A 13 3.57 9.63 5.55
N ASN A 14 4.27 9.08 4.56
CA ASN A 14 5.35 9.79 3.87
C ASN A 14 4.87 10.53 2.60
N PRO A 15 3.95 9.93 1.76
CA PRO A 15 3.36 8.61 1.99
C PRO A 15 4.21 7.45 1.44
N TRP A 16 4.21 6.33 2.16
CA TRP A 16 4.94 5.13 1.78
C TRP A 16 4.02 3.91 1.82
N GLY A 17 3.23 3.76 0.76
CA GLY A 17 2.27 2.66 0.66
C GLY A 17 2.88 1.34 0.25
N CYS A 18 2.05 0.51 -0.39
CA CYS A 18 2.46 -0.82 -0.84
C CYS A 18 3.35 -0.75 -2.08
N CYS A 19 4.34 -1.64 -2.11
CA CYS A 19 5.33 -1.73 -3.22
C CYS A 19 4.63 -1.82 -4.60
N PRO A 20 5.32 -1.43 -5.72
CA PRO A 20 4.74 -1.48 -7.09
C PRO A 20 4.09 -2.81 -7.44
N GLY A 21 2.84 -2.73 -7.93
CA GLY A 21 2.08 -3.92 -8.29
C GLY A 21 0.67 -3.88 -7.72
N CYS A 22 0.50 -3.14 -6.61
CA CYS A 22 -0.79 -3.00 -5.94
C CYS A 22 -1.21 -1.53 -5.90
N ILE A 23 -2.51 -1.28 -5.86
CA ILE A 23 -3.05 0.08 -5.81
C ILE A 23 -3.65 0.40 -4.43
N CYS A 24 -3.73 1.69 -4.12
CA CYS A 24 -4.27 2.16 -2.83
C CYS A 24 -5.72 2.60 -2.97
N ILE A 25 -6.54 2.27 -1.96
CA ILE A 25 -7.95 2.63 -1.94
C ILE A 25 -8.16 3.88 -1.06
N TRP A 26 -7.89 3.73 0.25
CA TRP A 26 -8.02 4.82 1.25
C TRP A 26 -9.47 5.35 1.35
N GLN A 27 -10.43 4.51 0.95
CA GLN A 27 -11.85 4.87 1.04
C GLN A 27 -12.46 4.29 2.30
N LEU A 28 -11.57 3.78 3.15
CA LEU A 28 -11.92 3.17 4.43
C LEU A 28 -10.80 3.42 5.45
N THR A 29 -9.56 3.07 5.06
CA THR A 29 -8.39 3.25 5.91
C THR A 29 -7.12 3.53 5.09
N ASP A 30 -6.79 2.61 4.16
CA ASP A 30 -5.59 2.67 3.28
C ASP A 30 -5.24 1.25 2.82
N ARG A 31 -6.26 0.51 2.39
CA ARG A 31 -6.10 -0.89 1.94
C ARG A 31 -5.60 -0.97 0.50
N CYS A 32 -4.70 -1.92 0.26
CA CYS A 32 -4.13 -2.15 -1.08
C CYS A 32 -4.81 -3.35 -1.75
N VAL A 33 -5.26 -3.15 -2.99
CA VAL A 33 -5.91 -4.20 -3.78
C VAL A 33 -5.32 -4.24 -5.19
N GLY A 34 -5.69 -5.25 -5.98
CA GLY A 34 -5.20 -5.39 -7.34
C GLY A 34 -4.78 -6.80 -7.65
N ASN A 35 -3.57 -6.96 -8.21
CA ASN A 35 -3.03 -8.27 -8.57
C ASN A 35 -1.54 -8.35 -8.23
N CYS A 36 -1.25 -8.64 -6.95
CA CYS A 36 0.13 -8.76 -6.47
C CYS A 36 0.23 -9.84 -5.38
N GLU A 1 15.39 3.81 1.85
CA GLU A 1 14.13 4.34 1.34
C GLU A 1 13.30 3.24 0.68
N GLY A 2 12.02 3.16 1.07
CA GLY A 2 11.12 2.17 0.51
C GLY A 2 10.96 0.95 1.42
N GLU A 3 9.76 0.82 2.01
CA GLU A 3 9.46 -0.30 2.91
C GLU A 3 8.01 -0.74 2.74
N CYS A 4 7.82 -1.71 1.85
CA CYS A 4 6.51 -2.28 1.54
C CYS A 4 6.60 -3.79 1.34
N SER A 5 5.43 -4.44 1.32
CA SER A 5 5.34 -5.88 1.13
C SER A 5 4.12 -6.21 0.27
N PRO A 6 4.11 -7.36 -0.51
CA PRO A 6 2.94 -7.74 -1.32
C PRO A 6 1.70 -7.82 -0.45
N LEU A 7 0.90 -6.74 -0.49
CA LEU A 7 -0.30 -6.55 0.33
C LEU A 7 0.12 -6.60 1.81
N GLY A 8 0.32 -5.42 2.38
CA GLY A 8 0.76 -5.32 3.76
C GLY A 8 0.92 -3.89 4.27
N GLU A 9 2.01 -3.20 3.86
CA GLU A 9 2.25 -1.81 4.33
C GLU A 9 1.12 -0.84 3.95
N PRO A 10 0.75 0.12 4.85
CA PRO A 10 -0.33 1.10 4.59
C PRO A 10 -0.03 2.06 3.44
N CYS A 11 -1.07 2.73 2.94
CA CYS A 11 -0.94 3.68 1.83
C CYS A 11 -0.69 5.11 2.31
N ALA A 12 -0.82 5.34 3.64
CA ALA A 12 -0.62 6.66 4.22
C ALA A 12 0.81 6.84 4.72
N GLY A 13 1.54 7.74 4.03
CA GLY A 13 2.93 8.02 4.39
C GLY A 13 3.74 8.45 3.19
N ASN A 14 3.91 7.52 2.23
CA ASN A 14 4.67 7.74 0.98
C ASN A 14 6.14 8.18 1.25
N PRO A 15 7.17 7.43 0.76
CA PRO A 15 7.04 6.19 -0.03
C PRO A 15 6.74 4.95 0.84
N TRP A 16 6.07 5.16 1.98
CA TRP A 16 5.73 4.08 2.92
C TRP A 16 4.41 3.39 2.53
N GLY A 17 4.14 3.32 1.22
CA GLY A 17 2.92 2.69 0.72
C GLY A 17 3.13 1.22 0.40
N CYS A 18 2.32 0.70 -0.53
CA CYS A 18 2.40 -0.68 -0.96
C CYS A 18 3.25 -0.79 -2.22
N CYS A 19 4.06 -1.85 -2.29
CA CYS A 19 4.96 -2.12 -3.43
C CYS A 19 4.22 -2.08 -4.78
N PRO A 20 4.95 -1.78 -5.91
CA PRO A 20 4.35 -1.70 -7.27
C PRO A 20 3.50 -2.92 -7.65
N GLY A 21 2.48 -2.68 -8.48
CA GLY A 21 1.58 -3.73 -8.92
C GLY A 21 0.20 -3.62 -8.28
N CYS A 22 0.17 -3.11 -7.05
CA CYS A 22 -1.09 -2.94 -6.31
C CYS A 22 -1.54 -1.48 -6.33
N ILE A 23 -2.86 -1.27 -6.17
CA ILE A 23 -3.45 0.07 -6.16
C ILE A 23 -3.89 0.50 -4.75
N CYS A 24 -4.01 1.81 -4.55
CA CYS A 24 -4.41 2.37 -3.25
C CYS A 24 -5.91 2.65 -3.21
N ILE A 25 -6.53 2.33 -2.06
CA ILE A 25 -7.96 2.54 -1.86
C ILE A 25 -8.20 3.84 -1.07
N TRP A 26 -7.91 3.81 0.25
CA TRP A 26 -8.07 4.97 1.16
C TRP A 26 -9.51 5.52 1.17
N GLN A 27 -10.46 4.67 0.79
CA GLN A 27 -11.88 5.02 0.78
C GLN A 27 -12.56 4.52 2.05
N LEU A 28 -11.70 4.09 2.98
CA LEU A 28 -12.11 3.56 4.28
C LEU A 28 -11.04 3.85 5.32
N THR A 29 -9.78 3.52 5.00
CA THR A 29 -8.65 3.75 5.88
C THR A 29 -7.36 4.09 5.13
N ASP A 30 -6.89 3.15 4.29
CA ASP A 30 -5.64 3.28 3.49
C ASP A 30 -5.16 1.89 3.02
N ARG A 31 -6.12 0.99 2.78
CA ARG A 31 -5.82 -0.39 2.35
C ARG A 31 -5.41 -0.45 0.88
N CYS A 32 -4.47 -1.36 0.58
CA CYS A 32 -3.98 -1.53 -0.79
C CYS A 32 -4.38 -2.90 -1.33
N VAL A 33 -5.01 -2.91 -2.51
CA VAL A 33 -5.46 -4.15 -3.15
C VAL A 33 -4.93 -4.24 -4.58
N GLY A 34 -5.07 -5.42 -5.20
CA GLY A 34 -4.61 -5.63 -6.56
C GLY A 34 -3.86 -6.94 -6.71
N ASN A 35 -2.81 -6.91 -7.54
CA ASN A 35 -1.98 -8.10 -7.79
C ASN A 35 -0.49 -7.72 -7.83
N CYS A 36 0.11 -7.67 -6.65
CA CYS A 36 1.52 -7.32 -6.50
C CYS A 36 2.25 -8.37 -5.65
N GLU A 1 16.11 1.76 -0.58
CA GLU A 1 14.78 2.23 -0.20
C GLU A 1 13.70 1.27 -0.69
N GLY A 2 12.80 0.91 0.23
CA GLY A 2 11.72 -0.02 -0.10
C GLY A 2 11.41 -0.98 1.03
N GLU A 3 10.51 -0.56 1.93
CA GLU A 3 10.11 -1.38 3.08
C GLU A 3 8.66 -1.89 2.94
N CYS A 4 8.23 -2.07 1.68
CA CYS A 4 6.88 -2.55 1.38
C CYS A 4 6.85 -4.06 1.21
N SER A 5 5.66 -4.64 1.34
CA SER A 5 5.46 -6.07 1.21
C SER A 5 4.22 -6.38 0.37
N PRO A 6 4.11 -7.60 -0.27
CA PRO A 6 2.91 -7.96 -1.06
C PRO A 6 1.66 -7.89 -0.18
N LEU A 7 0.94 -6.77 -0.34
CA LEU A 7 -0.24 -6.44 0.47
C LEU A 7 0.15 -6.41 1.95
N GLY A 8 0.58 -5.23 2.37
CA GLY A 8 1.04 -5.04 3.75
C GLY A 8 1.19 -3.58 4.13
N GLU A 9 2.27 -2.93 3.66
CA GLU A 9 2.50 -1.51 3.99
C GLU A 9 1.42 -0.58 3.39
N PRO A 10 0.66 0.19 4.24
CA PRO A 10 -0.41 1.12 3.76
C PRO A 10 0.08 2.12 2.71
N CYS A 11 -0.87 2.85 2.09
CA CYS A 11 -0.56 3.83 1.05
C CYS A 11 -0.27 5.21 1.63
N ALA A 12 -0.71 5.45 2.87
CA ALA A 12 -0.51 6.73 3.54
C ALA A 12 0.75 6.72 4.42
N GLY A 13 1.66 7.66 4.14
CA GLY A 13 2.90 7.75 4.90
C GLY A 13 4.05 8.30 4.07
N ASN A 14 4.38 7.57 2.98
CA ASN A 14 5.48 7.91 2.02
C ASN A 14 6.81 8.32 2.72
N PRO A 15 7.93 7.53 2.57
CA PRO A 15 8.00 6.28 1.79
C PRO A 15 7.58 5.04 2.61
N TRP A 16 6.27 4.90 2.84
CA TRP A 16 5.73 3.77 3.60
C TRP A 16 4.57 3.10 2.83
N GLY A 17 4.59 3.23 1.50
CA GLY A 17 3.55 2.67 0.65
C GLY A 17 3.74 1.20 0.36
N CYS A 18 2.78 0.64 -0.41
CA CYS A 18 2.82 -0.77 -0.80
C CYS A 18 3.59 -0.94 -2.10
N CYS A 19 4.27 -2.09 -2.22
CA CYS A 19 5.07 -2.43 -3.42
C CYS A 19 4.25 -2.33 -4.72
N PRO A 20 4.91 -2.06 -5.90
CA PRO A 20 4.23 -1.93 -7.21
C PRO A 20 3.34 -3.13 -7.56
N GLY A 21 2.16 -2.83 -8.12
CA GLY A 21 1.21 -3.86 -8.51
C GLY A 21 -0.13 -3.74 -7.79
N CYS A 22 -0.20 -2.81 -6.83
CA CYS A 22 -1.43 -2.57 -6.06
C CYS A 22 -1.82 -1.09 -6.09
N ILE A 23 -3.14 -0.85 -6.10
CA ILE A 23 -3.67 0.52 -6.11
C ILE A 23 -4.18 0.93 -4.72
N CYS A 24 -4.26 2.24 -4.51
CA CYS A 24 -4.71 2.80 -3.23
C CYS A 24 -6.19 3.19 -3.28
N ILE A 25 -6.96 2.73 -2.29
CA ILE A 25 -8.38 3.04 -2.19
C ILE A 25 -8.63 4.18 -1.21
N TRP A 26 -8.38 3.90 0.09
CA TRP A 26 -8.55 4.88 1.19
C TRP A 26 -10.01 5.36 1.32
N GLN A 27 -10.94 4.56 0.80
CA GLN A 27 -12.37 4.85 0.86
C GLN A 27 -12.99 4.14 2.07
N LEU A 28 -12.11 3.63 2.92
CA LEU A 28 -12.48 2.91 4.13
C LEU A 28 -11.44 3.14 5.24
N THR A 29 -10.16 2.94 4.90
CA THR A 29 -9.06 3.11 5.85
C THR A 29 -7.78 3.65 5.20
N ASP A 30 -7.31 2.97 4.14
CA ASP A 30 -6.07 3.29 3.38
C ASP A 30 -5.30 1.99 3.07
N ARG A 31 -6.05 0.96 2.67
CA ARG A 31 -5.48 -0.35 2.35
C ARG A 31 -5.12 -0.47 0.87
N CYS A 32 -4.14 -1.33 0.57
CA CYS A 32 -3.69 -1.54 -0.80
C CYS A 32 -4.31 -2.82 -1.38
N VAL A 33 -5.03 -2.67 -2.49
CA VAL A 33 -5.68 -3.79 -3.16
C VAL A 33 -5.17 -3.94 -4.60
N GLY A 34 -5.07 -5.19 -5.05
CA GLY A 34 -4.60 -5.47 -6.40
C GLY A 34 -3.75 -6.72 -6.46
N ASN A 35 -2.65 -6.65 -7.23
CA ASN A 35 -1.73 -7.77 -7.41
C ASN A 35 -0.28 -7.28 -7.37
N CYS A 36 0.26 -7.17 -6.16
CA CYS A 36 1.63 -6.72 -5.95
C CYS A 36 2.39 -7.71 -5.07
N GLU A 1 14.17 4.78 0.94
CA GLU A 1 13.08 4.16 1.74
C GLU A 1 12.31 3.10 0.95
N GLY A 2 12.24 1.90 1.52
CA GLY A 2 11.53 0.80 0.87
C GLY A 2 11.09 -0.27 1.85
N GLU A 3 9.88 -0.11 2.39
CA GLU A 3 9.31 -1.05 3.35
C GLU A 3 7.85 -1.37 2.99
N CYS A 4 7.69 -2.30 2.05
CA CYS A 4 6.36 -2.72 1.58
C CYS A 4 6.27 -4.24 1.49
N SER A 5 5.05 -4.72 1.21
CA SER A 5 4.78 -6.16 1.08
C SER A 5 3.52 -6.38 0.22
N PRO A 6 3.38 -7.54 -0.49
CA PRO A 6 2.18 -7.81 -1.31
C PRO A 6 0.91 -7.70 -0.47
N LEU A 7 0.15 -6.61 -0.73
CA LEU A 7 -1.08 -6.29 0.00
C LEU A 7 -0.83 -6.27 1.52
N GLY A 8 0.15 -5.44 1.92
CA GLY A 8 0.53 -5.34 3.32
C GLY A 8 0.60 -3.92 3.84
N GLU A 9 1.59 -3.14 3.40
CA GLU A 9 1.76 -1.75 3.86
C GLU A 9 0.90 -0.77 3.04
N PRO A 10 0.47 0.40 3.63
CA PRO A 10 -0.35 1.40 2.93
C PRO A 10 0.46 2.24 1.93
N CYS A 11 -0.25 2.97 1.06
CA CYS A 11 0.40 3.82 0.06
C CYS A 11 0.22 5.31 0.37
N ALA A 12 -0.72 5.64 1.27
CA ALA A 12 -0.99 7.01 1.65
C ALA A 12 -0.32 7.38 2.97
N GLY A 13 0.69 8.27 2.88
CA GLY A 13 1.41 8.72 4.06
C GLY A 13 2.57 7.82 4.47
N ASN A 14 3.67 7.92 3.72
CA ASN A 14 4.88 7.12 3.98
C ASN A 14 6.17 7.89 3.63
N PRO A 15 6.26 8.58 2.45
CA PRO A 15 5.19 8.66 1.44
C PRO A 15 5.20 7.48 0.47
N TRP A 16 4.03 6.83 0.33
CA TRP A 16 3.83 5.66 -0.54
C TRP A 16 4.72 4.48 -0.11
N GLY A 17 4.12 3.52 0.60
CA GLY A 17 4.86 2.36 1.08
C GLY A 17 4.28 1.04 0.63
N CYS A 18 3.77 0.98 -0.61
CA CYS A 18 3.21 -0.25 -1.17
C CYS A 18 4.04 -0.67 -2.36
N CYS A 19 4.40 -1.97 -2.43
CA CYS A 19 5.22 -2.51 -3.52
C CYS A 19 4.59 -2.28 -4.91
N PRO A 20 5.44 -2.13 -5.99
CA PRO A 20 4.95 -1.88 -7.37
C PRO A 20 3.92 -2.89 -7.87
N GLY A 21 2.82 -2.38 -8.42
CA GLY A 21 1.74 -3.22 -8.93
C GLY A 21 0.60 -3.36 -7.94
N CYS A 22 0.47 -2.37 -7.04
CA CYS A 22 -0.57 -2.36 -6.02
C CYS A 22 -1.36 -1.05 -6.04
N ILE A 23 -2.69 -1.17 -6.12
CA ILE A 23 -3.58 0.00 -6.13
C ILE A 23 -4.22 0.18 -4.75
N CYS A 24 -4.75 1.39 -4.51
CA CYS A 24 -5.36 1.71 -3.23
C CYS A 24 -6.78 2.25 -3.39
N ILE A 25 -7.61 1.97 -2.38
CA ILE A 25 -9.00 2.42 -2.35
C ILE A 25 -9.13 3.67 -1.47
N TRP A 26 -8.78 3.50 -0.19
CA TRP A 26 -8.80 4.57 0.84
C TRP A 26 -10.18 5.21 0.98
N GLN A 27 -11.01 4.59 1.81
CA GLN A 27 -12.35 5.08 2.11
C GLN A 27 -12.55 5.11 3.62
N LEU A 28 -11.44 4.86 4.33
CA LEU A 28 -11.40 4.83 5.81
C LEU A 28 -9.97 4.59 6.33
N THR A 29 -9.14 3.88 5.54
CA THR A 29 -7.77 3.56 5.97
C THR A 29 -6.71 3.69 4.88
N ASP A 30 -7.01 3.16 3.68
CA ASP A 30 -6.09 3.13 2.51
C ASP A 30 -5.33 1.79 2.49
N ARG A 31 -6.08 0.74 2.18
CA ARG A 31 -5.53 -0.62 2.08
C ARG A 31 -5.09 -0.92 0.66
N CYS A 32 -4.05 -1.77 0.53
CA CYS A 32 -3.51 -2.14 -0.78
C CYS A 32 -4.25 -3.32 -1.39
N VAL A 33 -4.74 -3.14 -2.61
CA VAL A 33 -5.46 -4.16 -3.35
C VAL A 33 -4.78 -4.44 -4.68
N GLY A 34 -4.81 -5.71 -5.11
CA GLY A 34 -4.19 -6.10 -6.36
C GLY A 34 -3.18 -7.22 -6.20
N ASN A 35 -2.08 -7.14 -6.95
CA ASN A 35 -1.01 -8.14 -6.91
C ASN A 35 0.37 -7.51 -7.14
N CYS A 36 1.01 -7.09 -6.04
CA CYS A 36 2.33 -6.48 -6.10
C CYS A 36 3.37 -7.33 -5.37
N GLU A 1 15.74 -1.46 7.52
CA GLU A 1 15.08 -2.49 6.70
C GLU A 1 13.57 -2.47 6.91
N GLY A 2 12.83 -2.46 5.79
CA GLY A 2 11.37 -2.43 5.83
C GLY A 2 10.79 -1.36 4.94
N GLU A 3 10.40 -1.76 3.71
CA GLU A 3 9.81 -0.86 2.73
C GLU A 3 8.76 -1.58 1.91
N CYS A 4 7.50 -1.49 2.40
CA CYS A 4 6.30 -2.10 1.78
C CYS A 4 6.45 -3.58 1.44
N SER A 5 5.34 -4.19 1.00
CA SER A 5 5.31 -5.60 0.64
C SER A 5 4.17 -5.89 -0.34
N PRO A 6 4.23 -6.98 -1.18
CA PRO A 6 3.15 -7.32 -2.11
C PRO A 6 1.87 -7.60 -1.31
N LEU A 7 1.00 -6.59 -1.28
CA LEU A 7 -0.25 -6.60 -0.49
C LEU A 7 0.10 -6.78 0.98
N GLY A 8 0.26 -5.64 1.66
CA GLY A 8 0.63 -5.63 3.06
C GLY A 8 0.60 -4.26 3.69
N GLU A 9 1.62 -3.42 3.41
CA GLU A 9 1.67 -2.06 3.99
C GLU A 9 0.72 -1.09 3.26
N PRO A 10 0.15 -0.06 3.96
CA PRO A 10 -0.76 0.92 3.34
C PRO A 10 -0.02 1.98 2.51
N CYS A 11 -0.77 2.78 1.74
CA CYS A 11 -0.19 3.83 0.89
C CYS A 11 0.01 5.14 1.66
N ALA A 12 -0.70 5.28 2.79
CA ALA A 12 -0.60 6.47 3.62
C ALA A 12 0.39 6.26 4.77
N GLY A 13 1.43 7.09 4.80
CA GLY A 13 2.45 7.00 5.84
C GLY A 13 3.81 7.50 5.38
N ASN A 14 4.32 6.87 4.30
CA ASN A 14 5.64 7.17 3.68
C ASN A 14 6.80 7.28 4.69
N PRO A 15 7.94 6.55 4.48
CA PRO A 15 8.19 5.64 3.34
C PRO A 15 7.45 4.29 3.47
N TRP A 16 6.42 4.23 4.33
CA TRP A 16 5.65 3.02 4.56
C TRP A 16 4.45 2.95 3.60
N GLY A 17 4.75 2.92 2.30
CA GLY A 17 3.72 2.85 1.27
C GLY A 17 3.50 1.44 0.77
N CYS A 18 3.12 1.34 -0.51
CA CYS A 18 2.88 0.06 -1.16
C CYS A 18 3.89 -0.16 -2.28
N CYS A 19 4.44 -1.37 -2.34
CA CYS A 19 5.42 -1.75 -3.36
C CYS A 19 4.78 -1.82 -4.77
N PRO A 20 5.60 -1.70 -5.88
CA PRO A 20 5.07 -1.74 -7.27
C PRO A 20 4.15 -2.92 -7.57
N GLY A 21 3.06 -2.64 -8.30
CA GLY A 21 2.09 -3.66 -8.65
C GLY A 21 0.91 -3.73 -7.67
N CYS A 22 0.82 -2.72 -6.80
CA CYS A 22 -0.24 -2.64 -5.79
C CYS A 22 -1.00 -1.33 -5.90
N ILE A 23 -2.28 -1.35 -5.47
CA ILE A 23 -3.14 -0.16 -5.50
C ILE A 23 -3.81 0.05 -4.13
N CYS A 24 -4.28 1.27 -3.89
CA CYS A 24 -4.93 1.60 -2.61
C CYS A 24 -6.25 2.34 -2.84
N ILE A 25 -7.19 2.12 -1.91
CA ILE A 25 -8.51 2.74 -1.97
C ILE A 25 -8.57 4.00 -1.10
N TRP A 26 -8.47 3.79 0.22
CA TRP A 26 -8.49 4.89 1.23
C TRP A 26 -9.85 5.62 1.24
N GLN A 27 -10.91 4.90 0.85
CA GLN A 27 -12.26 5.45 0.84
C GLN A 27 -12.97 5.17 2.16
N LEU A 28 -12.17 4.72 3.14
CA LEU A 28 -12.64 4.38 4.49
C LEU A 28 -11.48 4.37 5.49
N THR A 29 -10.37 3.73 5.12
CA THR A 29 -9.20 3.63 6.00
C THR A 29 -7.87 3.90 5.29
N ASP A 30 -7.54 3.06 4.29
CA ASP A 30 -6.30 3.11 3.48
C ASP A 30 -5.69 1.71 3.38
N ARG A 31 -6.47 0.78 2.82
CA ARG A 31 -6.03 -0.61 2.65
C ARG A 31 -5.38 -0.82 1.28
N CYS A 32 -4.30 -1.62 1.27
CA CYS A 32 -3.57 -1.91 0.04
C CYS A 32 -4.07 -3.20 -0.60
N VAL A 33 -4.60 -3.08 -1.81
CA VAL A 33 -5.13 -4.23 -2.56
C VAL A 33 -4.56 -4.23 -3.99
N GLY A 34 -4.84 -5.29 -4.75
CA GLY A 34 -4.35 -5.39 -6.12
C GLY A 34 -4.07 -6.82 -6.54
N ASN A 35 -3.00 -6.99 -7.32
CA ASN A 35 -2.60 -8.31 -7.82
C ASN A 35 -1.10 -8.57 -7.58
N CYS A 36 -0.56 -7.92 -6.55
CA CYS A 36 0.86 -8.04 -6.19
C CYS A 36 1.03 -9.03 -5.03
N GLU A 1 14.15 4.87 5.42
CA GLU A 1 12.75 4.56 5.70
C GLU A 1 12.02 4.12 4.44
N GLY A 2 11.06 3.20 4.61
CA GLY A 2 10.28 2.69 3.49
C GLY A 2 10.53 1.22 3.24
N GLU A 3 9.56 0.39 3.64
CA GLU A 3 9.65 -1.07 3.47
C GLU A 3 8.26 -1.66 3.27
N CYS A 4 7.89 -1.81 2.00
CA CYS A 4 6.60 -2.38 1.61
C CYS A 4 6.69 -3.89 1.38
N SER A 5 5.52 -4.52 1.25
CA SER A 5 5.42 -5.96 1.03
C SER A 5 4.17 -6.29 0.19
N PRO A 6 4.16 -7.40 -0.61
CA PRO A 6 2.97 -7.79 -1.40
C PRO A 6 1.75 -7.89 -0.49
N LEU A 7 0.92 -6.84 -0.54
CA LEU A 7 -0.27 -6.70 0.32
C LEU A 7 0.15 -6.73 1.79
N GLY A 8 0.37 -5.53 2.33
CA GLY A 8 0.83 -5.40 3.71
C GLY A 8 0.98 -3.97 4.16
N GLU A 9 2.07 -3.28 3.70
CA GLU A 9 2.30 -1.88 4.09
C GLU A 9 1.28 -0.93 3.43
N PRO A 10 0.55 -0.08 4.24
CA PRO A 10 -0.46 0.88 3.71
C PRO A 10 0.08 1.77 2.58
N CYS A 11 -0.84 2.34 1.80
CA CYS A 11 -0.48 3.21 0.68
C CYS A 11 -0.36 4.69 1.09
N ALA A 12 -0.95 5.04 2.24
CA ALA A 12 -0.90 6.42 2.74
C ALA A 12 0.28 6.63 3.67
N GLY A 13 1.12 7.62 3.34
CA GLY A 13 2.30 7.92 4.15
C GLY A 13 3.45 8.45 3.31
N ASN A 14 3.88 7.63 2.32
CA ASN A 14 4.99 7.94 1.38
C ASN A 14 6.26 8.48 2.08
N PRO A 15 7.45 7.81 1.91
CA PRO A 15 7.64 6.59 1.09
C PRO A 15 7.10 5.30 1.76
N TRP A 16 6.25 5.47 2.79
CA TRP A 16 5.66 4.34 3.52
C TRP A 16 4.41 3.82 2.80
N GLY A 17 4.59 3.42 1.54
CA GLY A 17 3.48 2.91 0.74
C GLY A 17 3.63 1.43 0.43
N CYS A 18 2.73 0.94 -0.43
CA CYS A 18 2.73 -0.47 -0.85
C CYS A 18 3.54 -0.62 -2.13
N CYS A 19 4.27 -1.74 -2.24
CA CYS A 19 5.11 -2.05 -3.40
C CYS A 19 4.35 -1.94 -4.73
N PRO A 20 5.05 -1.71 -5.89
CA PRO A 20 4.39 -1.59 -7.23
C PRO A 20 3.50 -2.78 -7.59
N GLY A 21 2.43 -2.50 -8.35
CA GLY A 21 1.50 -3.53 -8.76
C GLY A 21 0.16 -3.43 -8.06
N CYS A 22 0.18 -2.93 -6.82
CA CYS A 22 -1.03 -2.77 -6.01
C CYS A 22 -1.55 -1.34 -6.06
N ILE A 23 -2.86 -1.20 -5.87
CA ILE A 23 -3.53 0.12 -5.90
C ILE A 23 -3.98 0.55 -4.50
N CYS A 24 -4.27 1.85 -4.36
CA CYS A 24 -4.71 2.43 -3.09
C CYS A 24 -6.20 2.77 -3.12
N ILE A 25 -6.92 2.38 -2.07
CA ILE A 25 -8.36 2.65 -1.96
C ILE A 25 -8.63 3.93 -1.17
N TRP A 26 -8.35 3.87 0.16
CA TRP A 26 -8.55 5.00 1.09
C TRP A 26 -10.03 5.43 1.18
N GLN A 27 -10.91 4.51 0.78
CA GLN A 27 -12.36 4.75 0.82
C GLN A 27 -12.94 4.17 2.12
N LEU A 28 -12.01 3.80 3.01
CA LEU A 28 -12.33 3.23 4.31
C LEU A 28 -11.26 3.63 5.33
N THR A 29 -9.99 3.43 4.96
CA THR A 29 -8.86 3.77 5.84
C THR A 29 -7.63 4.24 5.07
N ASP A 30 -7.07 3.36 4.20
CA ASP A 30 -5.85 3.61 3.39
C ASP A 30 -5.17 2.27 3.03
N ARG A 31 -5.99 1.25 2.75
CA ARG A 31 -5.48 -0.09 2.42
C ARG A 31 -5.05 -0.19 0.95
N CYS A 32 -4.15 -1.15 0.66
CA CYS A 32 -3.66 -1.37 -0.68
C CYS A 32 -4.08 -2.75 -1.18
N VAL A 33 -4.90 -2.76 -2.24
CA VAL A 33 -5.40 -4.01 -2.82
C VAL A 33 -4.95 -4.16 -4.28
N GLY A 34 -5.15 -5.35 -4.84
CA GLY A 34 -4.75 -5.62 -6.22
C GLY A 34 -3.94 -6.90 -6.36
N ASN A 35 -2.95 -6.86 -7.25
CA ASN A 35 -2.09 -8.02 -7.51
C ASN A 35 -0.63 -7.55 -7.69
N CYS A 36 0.07 -7.42 -6.56
CA CYS A 36 1.47 -6.99 -6.56
C CYS A 36 2.35 -8.03 -5.88
#